data_5T2W
#
_entry.id   5T2W
#
_cell.length_a   83.530
_cell.length_b   51.900
_cell.length_c   82.030
_cell.angle_alpha   90.00
_cell.angle_beta   101.52
_cell.angle_gamma   90.00
#
_symmetry.space_group_name_H-M   'C 1 2 1'
#
loop_
_entity.id
_entity.type
_entity.pdbx_description
1 polymer 'G/T mismatch-specific thymine DNA glycosylase'
2 polymer 'DNA (28-MER)'
3 polymer 'DNA (27-MER)'
4 water water
#
loop_
_entity_poly.entity_id
_entity_poly.type
_entity_poly.pdbx_seq_one_letter_code
_entity_poly.pdbx_strand_id
1 'polypeptide(L)'
;SKKSGKSAKSKEKQEKITDTFKVKRKVDRFNGVSEAELLTKTLPDILTFNLDIVIIGINPGLMAAYKGHHYPGPGNHFWK
CLFMSGLSEVQLNHMDDHTLPGKYGIGFTNMVERTTPGSKDLSSKEFREGGRILVQKLQKYQPRIAVFNGKCIYEIFSKE
VFGVKVKNLEFGLQPHKIPDTETLCYVMPSSSARCAQFPRAQDKVHYYIKLKDLRDQLKGIERNMDV
;
A
2 'polydeoxyribonucleotide'
;(DC)(DA)(DG)(DC)(DT)(DC)(DT)(DG)(DT)(DA)(DC)(DG)(DT)(DG)(DA)(DG)(DC)(DG)(DA)(DT)
(DG)(DG)(DA)(DC)(DA)(DG)(DC)(DT)
;
C
3 'polydeoxyribonucleotide'
;(DA)(DG)(DC)(DT)(DG)(DT)(DC)(DC)(DA)(DT)(DC)(DG)(DC)(DT)(DC)(DA)(XFC)(DG)(DT)
(DA)(DC)(DA)(DG)(DA)(DG)(DC)(DT)(DG)
;
D
#
# COMPACT_ATOMS: atom_id res chain seq x y z
N VAL A 27 -25.49 -2.32 14.70
CA VAL A 27 -24.27 -2.87 15.30
C VAL A 27 -23.15 -1.78 15.36
N ASP A 28 -22.43 -1.69 16.49
CA ASP A 28 -21.37 -0.71 16.72
C ASP A 28 -19.97 -1.34 16.64
N ARG A 29 -19.25 -0.98 15.59
CA ARG A 29 -17.91 -1.47 15.27
C ARG A 29 -16.83 -0.44 15.60
N PHE A 30 -17.22 0.82 15.87
CA PHE A 30 -16.24 1.89 16.10
C PHE A 30 -16.42 2.62 17.42
N ASN A 31 -16.72 1.87 18.49
CA ASN A 31 -16.79 2.37 19.86
C ASN A 31 -17.58 3.70 20.02
N GLY A 32 -18.78 3.77 19.43
CA GLY A 32 -19.66 4.94 19.52
C GLY A 32 -19.43 6.04 18.50
N VAL A 33 -18.45 5.87 17.61
CA VAL A 33 -18.15 6.85 16.56
C VAL A 33 -18.97 6.45 15.32
N SER A 34 -19.69 7.43 14.73
CA SER A 34 -20.51 7.21 13.55
C SER A 34 -19.65 6.97 12.31
N GLU A 35 -20.17 6.19 11.35
CA GLU A 35 -19.50 5.90 10.09
C GLU A 35 -19.38 7.20 9.27
N ALA A 36 -20.41 8.08 9.31
CA ALA A 36 -20.41 9.38 8.60
C ALA A 36 -19.25 10.30 9.08
N GLU A 37 -18.85 10.23 10.38
CA GLU A 37 -17.71 10.98 10.91
C GLU A 37 -16.38 10.41 10.37
N LEU A 38 -16.27 9.08 10.26
CA LEU A 38 -15.05 8.43 9.77
C LEU A 38 -14.77 8.74 8.31
N LEU A 39 -15.85 8.79 7.49
CA LEU A 39 -15.84 9.12 6.07
C LEU A 39 -15.23 10.53 5.79
N THR A 40 -15.19 11.42 6.79
CA THR A 40 -14.64 12.80 6.71
C THR A 40 -13.16 12.84 7.16
N LYS A 41 -12.64 11.71 7.72
CA LYS A 41 -11.28 11.54 8.23
C LYS A 41 -10.29 11.01 7.19
N THR A 42 -8.99 11.32 7.40
CA THR A 42 -7.88 10.93 6.53
C THR A 42 -6.84 10.14 7.33
N LEU A 43 -5.92 9.48 6.61
CA LEU A 43 -4.83 8.67 7.18
C LEU A 43 -3.51 9.37 6.80
N PRO A 44 -2.64 9.74 7.76
CA PRO A 44 -1.40 10.42 7.39
C PRO A 44 -0.36 9.52 6.71
N ASP A 45 0.55 10.14 5.98
CA ASP A 45 1.67 9.50 5.33
C ASP A 45 2.77 9.29 6.35
N ILE A 46 3.56 8.23 6.16
CA ILE A 46 4.72 7.93 7.00
C ILE A 46 5.80 7.81 5.95
N LEU A 47 6.35 8.96 5.57
CA LEU A 47 7.32 9.04 4.50
C LEU A 47 8.59 9.73 4.91
N THR A 48 9.70 9.29 4.35
CA THR A 48 11.01 9.88 4.57
C THR A 48 11.91 9.49 3.40
N PHE A 49 13.17 9.94 3.43
CA PHE A 49 14.15 9.63 2.41
C PHE A 49 14.92 8.36 2.84
N ASN A 50 15.71 7.79 1.90
CA ASN A 50 16.54 6.58 2.08
C ASN A 50 15.74 5.31 2.42
N LEU A 51 14.42 5.30 2.13
CA LEU A 51 13.56 4.13 2.37
C LEU A 51 13.80 3.10 1.29
N ASP A 52 13.78 1.82 1.66
CA ASP A 52 13.90 0.75 0.67
C ASP A 52 12.55 0.57 0.00
N ILE A 53 11.47 0.62 0.79
CA ILE A 53 10.09 0.32 0.39
C ILE A 53 9.05 1.40 0.87
N VAL A 54 8.05 1.68 0.03
CA VAL A 54 6.88 2.50 0.36
C VAL A 54 5.68 1.67 -0.02
N ILE A 55 4.86 1.34 0.97
CA ILE A 55 3.64 0.57 0.73
C ILE A 55 2.59 1.60 0.36
N ILE A 56 2.04 1.50 -0.86
CA ILE A 56 1.02 2.42 -1.34
C ILE A 56 -0.29 1.66 -1.30
N GLY A 57 -1.21 2.10 -0.46
CA GLY A 57 -2.56 1.54 -0.41
C GLY A 57 -3.45 2.23 -1.43
N ILE A 58 -4.71 1.79 -1.49
CA ILE A 58 -5.73 2.38 -2.39
C ILE A 58 -6.23 3.67 -1.73
N ASN A 59 -6.71 3.56 -0.47
CA ASN A 59 -7.26 4.66 0.33
C ASN A 59 -7.50 4.12 1.73
N PRO A 60 -7.84 4.88 2.76
CA PRO A 60 -8.10 4.24 4.06
C PRO A 60 -9.47 3.57 4.13
N GLY A 61 -9.53 2.48 4.88
CA GLY A 61 -10.78 1.83 5.21
C GLY A 61 -11.33 2.56 6.42
N LEU A 62 -12.52 2.17 6.93
CA LEU A 62 -13.10 2.83 8.11
C LEU A 62 -12.30 2.69 9.41
N MET A 63 -11.66 1.53 9.61
CA MET A 63 -10.85 1.28 10.81
C MET A 63 -9.53 2.07 10.81
N ALA A 64 -8.89 2.23 9.62
CA ALA A 64 -7.66 3.00 9.47
C ALA A 64 -7.97 4.45 9.78
N ALA A 65 -9.07 5.01 9.18
CA ALA A 65 -9.53 6.38 9.46
C ALA A 65 -9.75 6.52 10.98
N TYR A 66 -10.45 5.52 11.60
CA TYR A 66 -10.69 5.50 13.06
C TYR A 66 -9.40 5.57 13.90
N LYS A 67 -8.46 4.65 13.67
CA LYS A 67 -7.21 4.52 14.43
C LYS A 67 -6.12 5.56 14.08
N GLY A 68 -6.13 6.08 12.85
CA GLY A 68 -5.10 7.01 12.40
C GLY A 68 -3.76 6.34 12.14
N HIS A 69 -3.79 4.99 11.95
CA HIS A 69 -2.68 4.08 11.67
C HIS A 69 -3.02 3.14 10.50
N HIS A 70 -1.99 2.74 9.73
CA HIS A 70 -2.08 1.83 8.57
C HIS A 70 -2.35 0.40 8.94
N TYR A 71 -3.32 -0.17 8.22
CA TYR A 71 -3.80 -1.55 8.20
C TYR A 71 -4.22 -2.15 9.53
N PRO A 72 -5.05 -1.49 10.39
CA PRO A 72 -5.53 -2.20 11.60
C PRO A 72 -6.50 -3.30 11.20
N GLY A 73 -6.61 -4.34 12.02
CA GLY A 73 -7.54 -5.42 11.75
C GLY A 73 -8.91 -5.06 12.30
N PRO A 74 -9.96 -5.88 12.11
CA PRO A 74 -10.04 -7.13 11.32
C PRO A 74 -10.25 -6.82 9.83
N GLY A 75 -10.12 -7.84 8.99
CA GLY A 75 -10.35 -7.72 7.55
C GLY A 75 -9.16 -7.30 6.72
N ASN A 76 -7.96 -7.23 7.34
CA ASN A 76 -6.73 -6.86 6.63
C ASN A 76 -5.60 -7.79 7.01
N HIS A 77 -4.88 -8.29 5.97
CA HIS A 77 -3.80 -9.27 6.04
C HIS A 77 -2.38 -8.73 6.11
N PHE A 78 -2.18 -7.41 5.96
CA PHE A 78 -0.87 -6.77 5.87
C PHE A 78 0.17 -7.12 6.97
N TRP A 79 -0.15 -6.90 8.26
CA TRP A 79 0.79 -7.15 9.36
C TRP A 79 1.09 -8.63 9.53
N LYS A 80 0.12 -9.49 9.18
CA LYS A 80 0.29 -10.94 9.23
C LYS A 80 1.30 -11.38 8.15
N CYS A 81 1.10 -10.94 6.91
CA CYS A 81 1.97 -11.18 5.75
C CYS A 81 3.38 -10.59 5.95
N LEU A 82 3.47 -9.38 6.53
CA LEU A 82 4.75 -8.74 6.83
C LEU A 82 5.62 -9.65 7.74
N PHE A 83 5.01 -10.29 8.74
CA PHE A 83 5.70 -11.21 9.62
C PHE A 83 5.96 -12.58 8.97
N MET A 84 4.92 -13.23 8.35
CA MET A 84 5.04 -14.56 7.69
C MET A 84 6.12 -14.61 6.58
N SER A 85 6.37 -13.49 5.92
CA SER A 85 7.36 -13.36 4.85
C SER A 85 8.76 -13.12 5.35
N GLY A 86 8.91 -12.70 6.61
CA GLY A 86 10.22 -12.42 7.17
C GLY A 86 10.63 -10.96 7.07
N LEU A 87 9.74 -10.11 6.53
CA LEU A 87 9.99 -8.66 6.45
C LEU A 87 10.04 -8.02 7.86
N SER A 88 9.32 -8.61 8.83
CA SER A 88 9.46 -8.20 10.23
C SER A 88 9.91 -9.45 10.98
N GLU A 89 10.66 -9.28 12.08
CA GLU A 89 11.18 -10.37 12.91
C GLU A 89 10.12 -10.97 13.84
N VAL A 90 9.17 -10.13 14.32
CA VAL A 90 8.05 -10.50 15.19
C VAL A 90 6.73 -10.03 14.56
N GLN A 91 5.62 -10.44 15.17
CA GLN A 91 4.29 -10.04 14.78
C GLN A 91 4.04 -8.57 15.19
N LEU A 92 4.02 -7.66 14.21
CA LEU A 92 3.76 -6.24 14.45
C LEU A 92 2.28 -5.94 14.18
N ASN A 93 1.85 -4.72 14.50
CA ASN A 93 0.48 -4.29 14.28
C ASN A 93 0.48 -2.85 13.85
N HIS A 94 -0.72 -2.30 13.55
CA HIS A 94 -0.92 -0.92 13.07
C HIS A 94 -0.23 0.17 13.94
N MET A 95 -0.14 -0.04 15.28
CA MET A 95 0.49 0.92 16.21
CA MET A 95 0.48 0.95 16.18
C MET A 95 1.99 1.06 15.97
N ASP A 96 2.57 0.10 15.23
CA ASP A 96 4.00 0.07 14.95
C ASP A 96 4.39 0.73 13.65
N ASP A 97 3.41 1.25 12.86
CA ASP A 97 3.67 1.80 11.52
C ASP A 97 4.73 2.92 11.44
N HIS A 98 4.84 3.77 12.49
CA HIS A 98 5.79 4.89 12.56
C HIS A 98 7.22 4.47 12.89
N THR A 99 7.41 3.26 13.40
CA THR A 99 8.74 2.72 13.71
C THR A 99 9.33 2.00 12.47
N LEU A 100 8.49 1.74 11.43
CA LEU A 100 8.88 1.00 10.25
C LEU A 100 9.93 1.74 9.38
N PRO A 101 9.87 3.07 9.11
CA PRO A 101 10.95 3.69 8.34
C PRO A 101 12.33 3.52 8.96
N GLY A 102 12.45 3.77 10.25
CA GLY A 102 13.74 3.75 10.95
C GLY A 102 14.31 2.38 11.21
N LYS A 103 13.45 1.44 11.61
CA LYS A 103 13.89 0.09 11.93
C LYS A 103 13.90 -0.88 10.73
N TYR A 104 13.03 -0.67 9.73
CA TYR A 104 12.89 -1.58 8.59
C TYR A 104 13.12 -0.94 7.21
N GLY A 105 13.12 0.39 7.08
CA GLY A 105 13.26 1.07 5.78
C GLY A 105 11.97 1.02 4.98
N ILE A 106 10.81 0.93 5.68
CA ILE A 106 9.49 0.86 5.07
C ILE A 106 8.62 2.04 5.48
N GLY A 107 8.03 2.69 4.50
CA GLY A 107 7.13 3.82 4.69
C GLY A 107 5.76 3.52 4.13
N PHE A 108 4.82 4.48 4.32
CA PHE A 108 3.42 4.32 3.91
C PHE A 108 2.79 5.55 3.28
N THR A 109 1.93 5.32 2.26
CA THR A 109 1.06 6.30 1.61
C THR A 109 -0.12 5.56 0.97
N ASN A 110 -1.07 6.29 0.39
CA ASN A 110 -2.24 5.77 -0.33
C ASN A 110 -2.40 6.57 -1.63
N MET A 111 -3.11 6.00 -2.62
CA MET A 111 -3.39 6.67 -3.87
C MET A 111 -4.50 7.74 -3.69
N VAL A 112 -5.56 7.39 -2.94
CA VAL A 112 -6.70 8.30 -2.68
C VAL A 112 -6.72 8.67 -1.19
N GLU A 113 -6.92 9.96 -0.89
CA GLU A 113 -6.96 10.48 0.47
C GLU A 113 -8.25 10.10 1.20
N ARG A 114 -9.39 10.16 0.50
CA ARG A 114 -10.74 9.93 1.02
C ARG A 114 -10.99 8.49 1.54
N THR A 115 -11.59 8.40 2.74
CA THR A 115 -11.99 7.14 3.39
C THR A 115 -13.34 6.64 2.86
N THR A 116 -13.40 5.37 2.47
CA THR A 116 -14.65 4.69 2.07
C THR A 116 -14.55 3.27 2.63
N PRO A 117 -15.67 2.55 2.86
CA PRO A 117 -15.57 1.15 3.31
C PRO A 117 -14.81 0.23 2.33
N GLY A 118 -14.97 0.48 1.02
CA GLY A 118 -14.32 -0.29 -0.03
C GLY A 118 -13.93 0.56 -1.23
N SER A 119 -12.99 0.03 -2.06
CA SER A 119 -12.43 0.67 -3.28
C SER A 119 -13.47 1.01 -4.34
N LYS A 120 -14.52 0.18 -4.45
CA LYS A 120 -15.63 0.34 -5.39
C LYS A 120 -16.50 1.59 -5.10
N ASP A 121 -16.27 2.29 -3.96
CA ASP A 121 -17.02 3.52 -3.63
C ASP A 121 -16.25 4.76 -4.12
N LEU A 122 -15.07 4.55 -4.74
CA LEU A 122 -14.25 5.62 -5.31
C LEU A 122 -14.53 5.82 -6.83
N SER A 123 -14.47 7.06 -7.30
CA SER A 123 -14.69 7.40 -8.72
C SER A 123 -13.36 7.40 -9.51
N SER A 124 -13.46 7.38 -10.84
CA SER A 124 -12.29 7.38 -11.73
C SER A 124 -11.46 8.67 -11.53
N LYS A 125 -12.16 9.81 -11.34
CA LYS A 125 -11.60 11.15 -11.14
C LYS A 125 -10.68 11.22 -9.94
N GLU A 126 -11.11 10.63 -8.79
CA GLU A 126 -10.34 10.59 -7.54
C GLU A 126 -9.05 9.78 -7.73
N PHE A 127 -9.15 8.65 -8.47
CA PHE A 127 -8.03 7.76 -8.74
C PHE A 127 -6.98 8.44 -9.60
N ARG A 128 -7.42 9.14 -10.67
CA ARG A 128 -6.57 9.86 -11.60
C ARG A 128 -5.90 11.07 -10.95
N GLU A 129 -6.62 11.79 -10.08
CA GLU A 129 -6.03 12.90 -9.33
C GLU A 129 -4.97 12.32 -8.36
N GLY A 130 -5.31 11.22 -7.69
CA GLY A 130 -4.47 10.49 -6.76
C GLY A 130 -3.14 10.02 -7.31
N GLY A 131 -3.17 9.43 -8.51
CA GLY A 131 -1.99 8.93 -9.24
C GLY A 131 -1.00 10.04 -9.56
N ARG A 132 -1.51 11.25 -9.83
CA ARG A 132 -0.71 12.44 -10.13
C ARG A 132 0.04 12.91 -8.87
N ILE A 133 -0.67 13.06 -7.74
CA ILE A 133 -0.11 13.46 -6.44
C ILE A 133 0.87 12.39 -5.97
N LEU A 134 0.55 11.10 -6.20
CA LEU A 134 1.40 9.96 -5.83
C LEU A 134 2.75 9.99 -6.54
N VAL A 135 2.75 10.23 -7.87
CA VAL A 135 3.98 10.32 -8.68
C VAL A 135 4.86 11.51 -8.16
N GLN A 136 4.27 12.66 -7.76
CA GLN A 136 4.97 13.83 -7.17
C GLN A 136 5.68 13.43 -5.87
N LYS A 137 4.92 12.77 -4.94
CA LYS A 137 5.36 12.26 -3.66
C LYS A 137 6.53 11.30 -3.86
N LEU A 138 6.43 10.38 -4.85
CA LEU A 138 7.49 9.42 -5.15
C LEU A 138 8.75 10.09 -5.71
N GLN A 139 8.63 11.15 -6.52
CA GLN A 139 9.79 11.87 -7.06
C GLN A 139 10.54 12.73 -6.00
N LYS A 140 9.90 13.00 -4.86
CA LYS A 140 10.51 13.72 -3.75
C LYS A 140 11.27 12.72 -2.85
N TYR A 141 10.59 11.66 -2.39
CA TYR A 141 11.16 10.70 -1.44
C TYR A 141 12.00 9.63 -2.08
N GLN A 142 11.64 9.25 -3.33
CA GLN A 142 12.37 8.32 -4.20
C GLN A 142 12.84 7.07 -3.46
N PRO A 143 11.90 6.24 -2.95
CA PRO A 143 12.34 5.00 -2.28
C PRO A 143 12.88 4.04 -3.34
N ARG A 144 13.59 2.97 -2.92
CA ARG A 144 14.10 2.02 -3.90
C ARG A 144 12.97 1.29 -4.61
N ILE A 145 11.90 0.94 -3.87
CA ILE A 145 10.72 0.21 -4.40
C ILE A 145 9.41 0.92 -4.04
N ALA A 146 8.58 1.21 -5.05
CA ALA A 146 7.23 1.72 -4.88
C ALA A 146 6.35 0.46 -4.95
N VAL A 147 5.79 0.06 -3.78
CA VAL A 147 4.99 -1.15 -3.64
C VAL A 147 3.49 -0.84 -3.68
N PHE A 148 2.81 -1.27 -4.75
CA PHE A 148 1.37 -1.10 -4.97
C PHE A 148 0.62 -2.21 -4.30
N ASN A 149 0.00 -1.91 -3.16
CA ASN A 149 -0.79 -2.87 -2.40
C ASN A 149 -2.22 -2.79 -2.97
N GLY A 150 -2.40 -3.49 -4.09
CA GLY A 150 -3.62 -3.54 -4.90
C GLY A 150 -3.33 -3.37 -6.39
N LYS A 151 -3.83 -4.30 -7.23
CA LYS A 151 -3.66 -4.25 -8.68
C LYS A 151 -4.41 -3.05 -9.27
N CYS A 152 -5.69 -2.83 -8.85
CA CYS A 152 -6.54 -1.77 -9.37
C CYS A 152 -5.85 -0.40 -9.41
N ILE A 153 -5.07 -0.05 -8.35
CA ILE A 153 -4.34 1.22 -8.28
C ILE A 153 -3.15 1.24 -9.26
N TYR A 154 -2.46 0.10 -9.51
CA TYR A 154 -1.39 0.09 -10.52
C TYR A 154 -1.95 0.15 -11.94
N GLU A 155 -3.12 -0.43 -12.17
CA GLU A 155 -3.78 -0.40 -13.49
C GLU A 155 -4.07 1.05 -13.90
N ILE A 156 -4.67 1.85 -12.98
CA ILE A 156 -4.95 3.28 -13.19
C ILE A 156 -3.64 4.08 -13.30
N PHE A 157 -2.69 3.85 -12.37
CA PHE A 157 -1.39 4.54 -12.34
C PHE A 157 -0.56 4.32 -13.60
N SER A 158 -0.34 3.06 -14.00
CA SER A 158 0.46 2.71 -15.17
C SER A 158 -0.06 3.33 -16.48
N LYS A 159 -1.39 3.35 -16.68
CA LYS A 159 -2.02 3.95 -17.86
C LYS A 159 -1.78 5.48 -17.85
N GLU A 160 -2.11 6.11 -16.74
CA GLU A 160 -1.97 7.56 -16.54
C GLU A 160 -0.50 8.06 -16.65
N VAL A 161 0.46 7.32 -16.03
CA VAL A 161 1.89 7.67 -15.95
C VAL A 161 2.69 7.17 -17.16
N PHE A 162 2.65 5.85 -17.45
CA PHE A 162 3.44 5.23 -18.52
C PHE A 162 2.73 5.09 -19.87
N GLY A 163 1.42 5.26 -19.91
CA GLY A 163 0.62 5.15 -21.12
C GLY A 163 0.56 3.75 -21.68
N VAL A 164 0.64 2.75 -20.79
CA VAL A 164 0.65 1.35 -21.20
C VAL A 164 -0.77 0.74 -21.15
N LYS A 165 -0.93 -0.47 -21.74
CA LYS A 165 -2.18 -1.23 -21.77
C LYS A 165 -2.36 -1.95 -20.42
N VAL A 166 -3.59 -1.92 -19.91
CA VAL A 166 -4.00 -2.53 -18.64
C VAL A 166 -4.30 -4.03 -18.79
N LYS A 167 -4.64 -4.47 -20.03
CA LYS A 167 -5.00 -5.85 -20.42
C LYS A 167 -4.18 -6.99 -19.74
N ASN A 168 -2.90 -7.14 -20.10
CA ASN A 168 -2.06 -8.23 -19.63
C ASN A 168 -1.14 -7.87 -18.45
N LEU A 169 -1.61 -6.96 -17.57
CA LEU A 169 -0.90 -6.49 -16.38
C LEU A 169 -0.81 -7.59 -15.32
N GLU A 170 0.38 -7.78 -14.76
CA GLU A 170 0.64 -8.82 -13.78
C GLU A 170 1.13 -8.27 -12.43
N PHE A 171 1.14 -9.13 -11.42
CA PHE A 171 1.65 -8.80 -10.10
C PHE A 171 3.20 -8.86 -10.18
N GLY A 172 3.89 -8.50 -9.12
CA GLY A 172 5.35 -8.52 -9.11
C GLY A 172 6.00 -7.31 -9.76
N LEU A 173 7.31 -7.45 -10.07
CA LEU A 173 8.14 -6.43 -10.68
C LEU A 173 7.66 -5.99 -12.06
N GLN A 174 7.48 -4.67 -12.22
CA GLN A 174 7.03 -4.03 -13.47
C GLN A 174 8.19 -3.53 -14.35
N PRO A 175 8.00 -3.53 -15.70
CA PRO A 175 9.10 -3.10 -16.59
C PRO A 175 9.35 -1.58 -16.68
N HIS A 176 8.80 -0.78 -15.76
CA HIS A 176 8.98 0.68 -15.79
C HIS A 176 9.34 1.23 -14.43
N LYS A 177 10.18 2.27 -14.42
CA LYS A 177 10.58 2.99 -13.23
C LYS A 177 9.77 4.28 -13.11
N ILE A 178 9.55 4.80 -11.88
CA ILE A 178 8.89 6.09 -11.67
C ILE A 178 9.74 7.12 -12.44
N PRO A 179 9.14 7.91 -13.35
CA PRO A 179 9.96 8.87 -14.12
C PRO A 179 10.78 9.83 -13.27
N ASP A 180 12.04 10.10 -13.71
CA ASP A 180 13.03 10.99 -13.10
C ASP A 180 13.72 10.38 -11.90
N THR A 181 13.39 9.10 -11.60
CA THR A 181 13.89 8.37 -10.44
C THR A 181 14.43 6.98 -10.84
N GLU A 182 15.08 6.31 -9.88
CA GLU A 182 15.55 4.93 -10.00
C GLU A 182 14.56 4.01 -9.23
N THR A 183 13.36 4.54 -8.88
CA THR A 183 12.33 3.82 -8.13
C THR A 183 11.65 2.72 -8.97
N LEU A 184 11.67 1.48 -8.45
CA LEU A 184 11.02 0.34 -9.10
C LEU A 184 9.52 0.29 -8.72
N CYS A 185 8.73 -0.43 -9.53
CA CYS A 185 7.29 -0.62 -9.31
C CYS A 185 7.00 -2.10 -9.14
N TYR A 186 6.55 -2.46 -7.94
CA TYR A 186 6.25 -3.85 -7.58
C TYR A 186 4.80 -3.92 -7.11
N VAL A 187 3.98 -4.75 -7.78
CA VAL A 187 2.53 -4.88 -7.52
C VAL A 187 2.14 -6.16 -6.75
N MET A 188 1.23 -6.01 -5.78
CA MET A 188 0.76 -7.08 -4.92
C MET A 188 -0.76 -7.12 -4.86
N PRO A 189 -1.37 -8.32 -4.66
CA PRO A 189 -2.84 -8.35 -4.45
C PRO A 189 -3.12 -7.60 -3.15
N SER A 190 -4.18 -6.77 -3.14
CA SER A 190 -4.55 -5.97 -1.98
C SER A 190 -4.58 -6.79 -0.68
N SER A 191 -4.05 -6.23 0.42
CA SER A 191 -4.04 -6.88 1.73
C SER A 191 -5.47 -7.03 2.30
N SER A 192 -6.48 -6.41 1.64
CA SER A 192 -7.87 -6.50 2.10
C SER A 192 -8.40 -7.92 2.07
N ALA A 193 -9.12 -8.34 3.14
CA ALA A 193 -9.73 -9.68 3.13
C ALA A 193 -11.07 -9.73 2.40
N ARG A 194 -11.48 -8.65 1.71
CA ARG A 194 -12.66 -8.66 0.86
C ARG A 194 -12.36 -9.50 -0.40
N CYS A 195 -11.08 -9.57 -0.80
CA CYS A 195 -10.65 -10.31 -2.00
C CYS A 195 -10.66 -11.85 -1.81
N ALA A 196 -11.62 -12.51 -2.43
CA ALA A 196 -11.83 -13.97 -2.32
C ALA A 196 -10.82 -14.83 -3.13
N GLN A 197 -10.14 -14.25 -4.13
CA GLN A 197 -9.15 -14.92 -4.97
C GLN A 197 -7.91 -15.36 -4.20
N PHE A 198 -7.53 -14.61 -3.14
CA PHE A 198 -6.39 -14.89 -2.27
C PHE A 198 -7.05 -14.85 -0.90
N PRO A 199 -7.83 -15.90 -0.53
CA PRO A 199 -8.68 -15.80 0.68
C PRO A 199 -8.01 -15.59 2.03
N ARG A 200 -6.77 -16.05 2.16
CA ARG A 200 -5.96 -16.04 3.37
C ARG A 200 -4.71 -15.15 3.21
N ALA A 201 -4.11 -14.75 4.35
CA ALA A 201 -2.84 -14.01 4.35
C ALA A 201 -1.78 -14.91 3.69
N GLN A 202 -1.81 -16.26 3.96
CA GLN A 202 -0.95 -17.32 3.38
C GLN A 202 -0.99 -17.34 1.82
N ASP A 203 -2.12 -16.92 1.22
CA ASP A 203 -2.29 -16.85 -0.24
C ASP A 203 -1.68 -15.57 -0.86
N LYS A 204 -1.23 -14.64 -0.01
CA LYS A 204 -0.61 -13.38 -0.43
C LYS A 204 0.86 -13.33 -0.08
N VAL A 205 1.32 -14.14 0.92
CA VAL A 205 2.68 -14.13 1.45
C VAL A 205 3.74 -14.29 0.36
N HIS A 206 3.45 -15.03 -0.72
CA HIS A 206 4.39 -15.23 -1.82
C HIS A 206 4.92 -13.90 -2.37
N TYR A 207 4.04 -12.91 -2.52
CA TYR A 207 4.42 -11.60 -3.05
C TYR A 207 5.31 -10.81 -2.09
N TYR A 208 5.02 -10.94 -0.77
CA TYR A 208 5.79 -10.32 0.32
C TYR A 208 7.22 -10.90 0.38
N ILE A 209 7.34 -12.23 0.16
CA ILE A 209 8.62 -12.97 0.15
C ILE A 209 9.46 -12.51 -1.07
N LYS A 210 8.84 -12.46 -2.26
CA LYS A 210 9.50 -12.04 -3.50
C LYS A 210 9.90 -10.58 -3.43
N LEU A 211 9.20 -9.80 -2.57
CA LEU A 211 9.50 -8.40 -2.31
C LEU A 211 10.70 -8.31 -1.39
N LYS A 212 10.78 -9.22 -0.39
CA LYS A 212 11.91 -9.28 0.55
C LYS A 212 13.19 -9.63 -0.25
N ASP A 213 13.09 -10.61 -1.18
CA ASP A 213 14.18 -11.04 -2.06
C ASP A 213 14.67 -9.91 -2.97
N LEU A 214 13.73 -9.16 -3.60
CA LEU A 214 14.06 -8.02 -4.48
C LEU A 214 14.79 -6.92 -3.69
N ARG A 215 14.32 -6.64 -2.47
CA ARG A 215 15.02 -5.68 -1.61
C ARG A 215 16.45 -6.17 -1.23
N ASP A 216 16.58 -7.45 -0.81
CA ASP A 216 17.85 -8.08 -0.45
C ASP A 216 18.85 -8.04 -1.63
N GLN A 217 18.35 -8.25 -2.87
CA GLN A 217 19.12 -8.21 -4.12
C GLN A 217 19.65 -6.82 -4.41
N LEU A 218 18.86 -5.77 -4.11
CA LEU A 218 19.25 -4.37 -4.30
C LEU A 218 20.36 -3.96 -3.34
N LYS A 219 20.32 -4.47 -2.10
CA LYS A 219 21.37 -4.21 -1.09
C LYS A 219 22.61 -5.02 -1.43
N GLY A 220 22.41 -6.23 -1.96
CA GLY A 220 23.48 -7.14 -2.40
C GLY A 220 24.24 -6.60 -3.60
N ILE A 221 23.50 -6.08 -4.61
CA ILE A 221 24.07 -5.46 -5.82
C ILE A 221 24.48 -4.00 -5.56
#